data_8YLL
#
_entry.id   8YLL
#
_cell.length_a   62.462
_cell.length_b   62.462
_cell.length_c   77.060
_cell.angle_alpha   90.000
_cell.angle_beta   90.000
_cell.angle_gamma   120.000
#
_symmetry.space_group_name_H-M   'P 31 2 1'
#
loop_
_entity.id
_entity.type
_entity.pdbx_description
1 polymer 'MarR family transcriptional regulator'
2 non-polymer XANTHINE
3 water water
#
_entity_poly.entity_id   1
_entity_poly.type   'polypeptide(L)'
_entity_poly.pdbx_seq_one_letter_code
;SAKDPMDRAAHAVEQWRSERPDLDPSSMIVLGRLQEAALVIARDRLNPLFARYGLQPGEFDVLATLRRSGAPYALTPTAL
YDAAMISSGSMTNRIDRLEKAGWVERRANPADGRGTLVALTSAGRALIDDAVVAHVDNQRRVLSALSAAEQRQLAKLLDK
LLQGQAAEG
;
_entity_poly.pdbx_strand_id   A
#
loop_
_chem_comp.id
_chem_comp.type
_chem_comp.name
_chem_comp.formula
XAN non-polymer XANTHINE 'C5 H4 N4 O2'
#
# COMPACT_ATOMS: atom_id res chain seq x y z
N MET A 6 -23.21 14.47 -0.26
CA MET A 6 -22.86 13.70 0.94
C MET A 6 -22.38 12.29 0.64
N ASP A 7 -21.23 11.91 1.20
CA ASP A 7 -20.66 10.58 1.00
C ASP A 7 -21.19 9.63 2.08
N ARG A 8 -20.71 8.39 2.03
CA ARG A 8 -21.11 7.37 3.00
C ARG A 8 -20.92 7.87 4.42
N ALA A 9 -19.78 8.50 4.70
CA ALA A 9 -19.45 8.87 6.07
C ALA A 9 -20.35 10.00 6.57
N ALA A 10 -20.46 11.08 5.79
CA ALA A 10 -21.32 12.19 6.21
C ALA A 10 -22.76 11.75 6.38
N HIS A 11 -23.26 10.92 5.46
CA HIS A 11 -24.62 10.39 5.59
C HIS A 11 -24.77 9.59 6.88
N ALA A 12 -23.78 8.73 7.19
CA ALA A 12 -23.87 7.93 8.40
C ALA A 12 -23.86 8.81 9.65
N VAL A 13 -23.01 9.84 9.67
CA VAL A 13 -22.96 10.75 10.83
C VAL A 13 -24.32 11.44 10.98
N GLU A 14 -24.94 11.82 9.87
CA GLU A 14 -26.25 12.46 9.93
C GLU A 14 -27.27 11.52 10.59
N GLN A 15 -27.30 10.26 10.17
CA GLN A 15 -28.22 9.32 10.76
C GLN A 15 -27.94 9.12 12.24
N TRP A 16 -26.67 9.11 12.64
CA TRP A 16 -26.33 8.91 14.06
C TRP A 16 -26.80 10.09 14.91
N ARG A 17 -26.52 11.31 14.46
CA ARG A 17 -26.99 12.49 15.19
C ARG A 17 -28.50 12.43 15.40
N SER A 18 -29.24 11.94 14.42
CA SER A 18 -30.69 11.85 14.56
C SER A 18 -31.12 10.71 15.46
N GLU A 19 -30.37 9.60 15.48
CA GLU A 19 -30.78 8.40 16.20
C GLU A 19 -30.21 8.32 17.61
N ARG A 20 -28.97 8.76 17.82
CA ARG A 20 -28.35 8.76 19.14
C ARG A 20 -27.84 10.17 19.45
N PRO A 21 -28.77 11.09 19.74
CA PRO A 21 -28.34 12.48 20.02
C PRO A 21 -27.43 12.60 21.23
N ASP A 22 -27.40 11.58 22.10
CA ASP A 22 -26.49 11.55 23.23
C ASP A 22 -25.02 11.36 22.82
N LEU A 23 -24.78 11.06 21.54
CA LEU A 23 -23.46 10.70 21.04
C LEU A 23 -22.86 11.83 20.22
N ASP A 24 -21.55 11.98 20.31
CA ASP A 24 -20.82 12.89 19.46
C ASP A 24 -20.13 12.05 18.40
N PRO A 25 -20.71 11.92 17.20
CA PRO A 25 -20.17 10.99 16.20
C PRO A 25 -19.26 11.69 15.20
N SER A 26 -18.75 12.86 15.57
CA SER A 26 -17.98 13.67 14.63
C SER A 26 -16.77 12.91 14.09
N SER A 27 -16.09 12.16 14.97
CA SER A 27 -14.86 11.45 14.59
C SER A 27 -15.09 10.45 13.46
N MET A 28 -16.34 10.05 13.22
CA MET A 28 -16.63 9.05 12.19
C MET A 28 -16.35 9.53 10.78
N ILE A 29 -16.38 10.84 10.53
CA ILE A 29 -16.18 11.32 9.16
C ILE A 29 -14.74 11.10 8.73
N VAL A 30 -13.78 11.64 9.49
CA VAL A 30 -12.38 11.54 9.07
C VAL A 30 -11.93 10.08 9.01
N LEU A 31 -12.32 9.27 9.99
CA LEU A 31 -11.85 7.88 10.00
C LEU A 31 -12.60 7.03 8.97
N GLY A 32 -13.89 7.29 8.79
CA GLY A 32 -14.62 6.61 7.74
C GLY A 32 -14.08 6.93 6.35
N ARG A 33 -13.76 8.20 6.11
CA ARG A 33 -13.20 8.57 4.81
C ARG A 33 -11.80 8.02 4.64
N LEU A 34 -11.02 7.97 5.72
CA LEU A 34 -9.67 7.40 5.65
C LEU A 34 -9.71 5.95 5.21
N GLN A 35 -10.56 5.14 5.85
CA GLN A 35 -10.63 3.72 5.53
C GLN A 35 -11.24 3.49 4.16
N GLU A 36 -12.26 4.26 3.79
CA GLU A 36 -12.87 4.06 2.47
C GLU A 36 -11.91 4.47 1.36
N ALA A 37 -11.14 5.53 1.57
CA ALA A 37 -10.19 5.96 0.54
C ALA A 37 -9.11 4.91 0.35
N ALA A 38 -8.55 4.37 1.45
CA ALA A 38 -7.55 3.33 1.33
C ALA A 38 -8.11 2.11 0.61
N LEU A 39 -9.35 1.74 0.91
CA LEU A 39 -9.95 0.54 0.34
C LEU A 39 -10.25 0.73 -1.16
N VAL A 40 -10.90 1.83 -1.49
CA VAL A 40 -11.31 2.06 -2.89
C VAL A 40 -10.08 2.20 -3.78
N ILE A 41 -9.03 2.87 -3.28
CA ILE A 41 -7.83 3.08 -4.09
C ILE A 41 -7.09 1.75 -4.30
N ALA A 42 -6.96 0.94 -3.24
CA ALA A 42 -6.36 -0.38 -3.42
C ALA A 42 -7.18 -1.23 -4.40
N ARG A 43 -8.50 -1.32 -4.17
CA ARG A 43 -9.32 -2.27 -4.91
C ARG A 43 -9.49 -1.86 -6.36
N ASP A 44 -9.73 -0.57 -6.60
CA ASP A 44 -10.13 -0.10 -7.92
C ASP A 44 -8.99 0.49 -8.76
N ARG A 45 -7.88 0.88 -8.13
CA ARG A 45 -6.78 1.55 -8.85
C ARG A 45 -5.47 0.76 -8.79
N LEU A 46 -4.92 0.52 -7.59
CA LEU A 46 -3.57 0.02 -7.50
C LEU A 46 -3.51 -1.48 -7.79
N ASN A 47 -4.37 -2.26 -7.15
CA ASN A 47 -4.29 -3.71 -7.30
C ASN A 47 -4.57 -4.17 -8.73
N PRO A 48 -5.52 -3.60 -9.48
CA PRO A 48 -5.67 -4.03 -10.88
C PRO A 48 -4.41 -3.81 -11.69
N LEU A 49 -3.64 -2.76 -11.37
CA LEU A 49 -2.38 -2.57 -12.10
C LEU A 49 -1.37 -3.64 -11.71
N PHE A 50 -1.23 -3.92 -10.41
CA PHE A 50 -0.35 -5.01 -10.00
C PHE A 50 -0.73 -6.32 -10.68
N ALA A 51 -2.03 -6.58 -10.83
CA ALA A 51 -2.45 -7.85 -11.42
C ALA A 51 -2.14 -7.91 -12.90
N ARG A 52 -2.12 -6.77 -13.58
CA ARG A 52 -1.65 -6.75 -14.96
C ARG A 52 -0.24 -7.33 -15.07
N TYR A 53 0.56 -7.17 -14.01
CA TYR A 53 1.92 -7.67 -13.94
C TYR A 53 2.01 -9.04 -13.27
N GLY A 54 0.87 -9.69 -13.03
CA GLY A 54 0.87 -10.98 -12.39
C GLY A 54 1.14 -10.95 -10.90
N LEU A 55 1.00 -9.79 -10.27
CA LEU A 55 1.32 -9.62 -8.85
C LEU A 55 0.02 -9.47 -8.04
N GLN A 56 -0.12 -10.30 -7.01
CA GLN A 56 -1.21 -10.20 -6.07
C GLN A 56 -0.95 -9.07 -5.10
N PRO A 57 -1.99 -8.58 -4.40
CA PRO A 57 -1.76 -7.53 -3.41
C PRO A 57 -0.77 -7.99 -2.34
N GLY A 58 0.26 -7.17 -2.11
CA GLY A 58 1.32 -7.45 -1.18
C GLY A 58 2.59 -7.94 -1.82
N GLU A 59 2.50 -8.56 -3.00
CA GLU A 59 3.68 -9.11 -3.64
C GLU A 59 4.52 -8.00 -4.29
N PHE A 60 3.86 -7.01 -4.89
CA PHE A 60 4.57 -5.84 -5.37
C PHE A 60 5.46 -5.25 -4.27
N ASP A 61 4.90 -5.05 -3.07
CA ASP A 61 5.67 -4.48 -1.97
C ASP A 61 6.94 -5.29 -1.71
N VAL A 62 6.85 -6.63 -1.72
CA VAL A 62 8.04 -7.43 -1.47
C VAL A 62 9.11 -7.13 -2.52
N LEU A 63 8.74 -7.23 -3.79
CA LEU A 63 9.70 -6.98 -4.85
C LEU A 63 10.22 -5.55 -4.78
N ALA A 64 9.33 -4.59 -4.49
CA ALA A 64 9.76 -3.20 -4.44
C ALA A 64 10.77 -2.98 -3.31
N THR A 65 10.52 -3.59 -2.16
CA THR A 65 11.46 -3.47 -1.03
C THR A 65 12.83 -4.04 -1.40
N LEU A 66 12.85 -5.26 -1.97
CA LEU A 66 14.10 -5.85 -2.41
C LEU A 66 14.81 -4.96 -3.43
N ARG A 67 14.09 -4.51 -4.45
CA ARG A 67 14.73 -3.71 -5.50
C ARG A 67 15.35 -2.45 -4.93
N ARG A 68 14.60 -1.72 -4.10
CA ARG A 68 15.13 -0.43 -3.68
C ARG A 68 16.18 -0.56 -2.58
N SER A 69 16.46 -1.77 -2.09
CA SER A 69 17.56 -1.94 -1.15
C SER A 69 18.92 -1.94 -1.84
N GLY A 70 18.95 -2.04 -3.17
CA GLY A 70 20.19 -2.02 -3.92
C GLY A 70 20.80 -3.40 -4.09
N ALA A 71 21.66 -3.50 -5.11
CA ALA A 71 22.33 -4.76 -5.41
C ALA A 71 23.02 -5.29 -4.17
N PRO A 72 22.97 -6.60 -3.91
CA PRO A 72 22.39 -7.64 -4.77
C PRO A 72 20.90 -7.91 -4.55
N TYR A 73 20.17 -6.94 -3.99
CA TYR A 73 18.71 -7.03 -3.86
C TYR A 73 18.31 -8.23 -3.01
N ALA A 74 18.97 -8.36 -1.86
CA ALA A 74 18.75 -9.47 -0.96
C ALA A 74 18.65 -8.95 0.46
N LEU A 75 17.57 -9.33 1.15
CA LEU A 75 17.35 -8.93 2.54
C LEU A 75 16.93 -10.11 3.39
N THR A 76 17.27 -10.04 4.67
CA THR A 76 16.67 -10.95 5.63
C THR A 76 15.16 -10.73 5.66
N PRO A 77 14.37 -11.76 5.97
CA PRO A 77 12.91 -11.55 6.11
C PRO A 77 12.56 -10.47 7.14
N THR A 78 13.39 -10.30 8.16
CA THR A 78 13.11 -9.24 9.13
C THR A 78 13.33 -7.86 8.52
N ALA A 79 14.47 -7.66 7.87
CA ALA A 79 14.71 -6.40 7.15
C ALA A 79 13.64 -6.15 6.11
N LEU A 80 13.16 -7.22 5.45
CA LEU A 80 12.09 -7.07 4.47
C LEU A 80 10.82 -6.51 5.11
N TYR A 81 10.49 -6.98 6.33
CA TYR A 81 9.34 -6.43 7.04
C TYR A 81 9.59 -5.00 7.50
N ASP A 82 10.77 -4.72 8.05
CA ASP A 82 11.05 -3.38 8.53
C ASP A 82 11.10 -2.34 7.41
N ALA A 83 11.57 -2.73 6.22
CA ALA A 83 11.70 -1.78 5.12
C ALA A 83 10.47 -1.72 4.22
N ALA A 84 9.46 -2.54 4.50
CA ALA A 84 8.26 -2.56 3.67
C ALA A 84 7.55 -1.20 3.71
N MET A 85 6.89 -0.84 2.60
CA MET A 85 6.07 0.36 2.61
C MET A 85 4.89 0.23 3.57
N ILE A 86 4.32 -0.97 3.68
CA ILE A 86 3.11 -1.24 4.44
C ILE A 86 3.38 -2.41 5.37
N SER A 87 3.00 -2.27 6.63
CA SER A 87 3.28 -3.31 7.62
C SER A 87 2.23 -4.42 7.58
N SER A 88 1.94 -4.94 6.39
CA SER A 88 0.96 -6.00 6.24
C SER A 88 1.60 -7.36 6.53
N GLY A 89 0.75 -8.35 6.80
CA GLY A 89 1.18 -9.64 7.27
C GLY A 89 1.31 -10.68 6.16
N SER A 90 1.29 -11.95 6.57
CA SER A 90 1.41 -13.10 5.66
C SER A 90 2.68 -13.02 4.82
N MET A 91 3.75 -12.49 5.40
CA MET A 91 4.98 -12.29 4.62
C MET A 91 5.59 -13.62 4.19
N THR A 92 5.46 -14.67 5.02
CA THR A 92 6.00 -15.96 4.63
C THR A 92 5.24 -16.52 3.43
N ASN A 93 3.91 -16.39 3.43
CA ASN A 93 3.13 -16.86 2.30
C ASN A 93 3.49 -16.12 1.02
N ARG A 94 3.67 -14.79 1.11
CA ARG A 94 4.02 -14.03 -0.08
C ARG A 94 5.38 -14.44 -0.65
N ILE A 95 6.37 -14.65 0.22
CA ILE A 95 7.68 -15.08 -0.27
C ILE A 95 7.57 -16.43 -0.95
N ASP A 96 6.82 -17.36 -0.35
CA ASP A 96 6.59 -18.66 -0.97
C ASP A 96 6.01 -18.53 -2.38
N ARG A 97 4.93 -17.76 -2.51
CA ARG A 97 4.29 -17.55 -3.80
C ARG A 97 5.29 -16.98 -4.81
N LEU A 98 6.00 -15.91 -4.41
CA LEU A 98 6.97 -15.27 -5.30
C LEU A 98 8.09 -16.23 -5.70
N GLU A 99 8.40 -17.20 -4.84
CA GLU A 99 9.45 -18.15 -5.16
C GLU A 99 8.98 -19.15 -6.22
N LYS A 100 7.78 -19.70 -6.05
CA LYS A 100 7.24 -20.60 -7.06
C LYS A 100 7.02 -19.89 -8.38
N ALA A 101 6.76 -18.58 -8.36
CA ALA A 101 6.58 -17.81 -9.57
C ALA A 101 7.91 -17.45 -10.24
N GLY A 102 9.03 -17.64 -9.55
CA GLY A 102 10.34 -17.43 -10.14
C GLY A 102 10.91 -16.04 -9.97
N TRP A 103 10.33 -15.22 -9.09
CA TRP A 103 10.71 -13.82 -8.94
C TRP A 103 11.64 -13.55 -7.77
N VAL A 104 11.63 -14.40 -6.74
CA VAL A 104 12.61 -14.32 -5.67
C VAL A 104 13.21 -15.71 -5.49
N GLU A 105 14.33 -15.75 -4.77
CA GLU A 105 14.90 -17.01 -4.32
C GLU A 105 15.39 -16.84 -2.89
N ARG A 106 15.45 -17.95 -2.16
CA ARG A 106 15.91 -17.96 -0.78
C ARG A 106 17.36 -18.41 -0.75
N ARG A 107 18.25 -17.52 -0.34
CA ARG A 107 19.67 -17.82 -0.23
C ARG A 107 20.07 -17.96 1.24
N ALA A 108 21.24 -17.45 1.61
CA ALA A 108 21.77 -17.70 2.94
C ALA A 108 22.46 -16.48 3.56
N THR A 116 20.12 -16.63 6.10
CA THR A 116 18.92 -16.77 5.27
C THR A 116 18.45 -15.46 4.65
N LEU A 117 18.58 -15.35 3.33
CA LEU A 117 18.20 -14.15 2.62
C LEU A 117 17.08 -14.45 1.64
N VAL A 118 16.35 -13.39 1.27
CA VAL A 118 15.38 -13.42 0.19
C VAL A 118 15.89 -12.44 -0.87
N ALA A 119 16.06 -12.91 -2.11
CA ALA A 119 16.72 -12.12 -3.14
C ALA A 119 15.92 -12.16 -4.44
N LEU A 120 15.89 -11.01 -5.14
CA LEU A 120 15.29 -10.98 -6.46
C LEU A 120 16.02 -11.94 -7.37
N THR A 121 15.28 -12.58 -8.25
CA THR A 121 15.91 -13.21 -9.39
C THR A 121 16.10 -12.17 -10.50
N SER A 122 16.83 -12.58 -11.54
CA SER A 122 16.92 -11.74 -12.72
C SER A 122 15.53 -11.40 -13.23
N ALA A 123 14.64 -12.41 -13.30
CA ALA A 123 13.28 -12.19 -13.77
C ALA A 123 12.50 -11.27 -12.84
N GLY A 124 12.75 -11.39 -11.54
CA GLY A 124 12.03 -10.57 -10.58
C GLY A 124 12.49 -9.14 -10.60
N ARG A 125 13.81 -8.94 -10.75
CA ARG A 125 14.34 -7.60 -10.93
C ARG A 125 13.75 -6.95 -12.18
N ALA A 126 13.74 -7.67 -13.30
CA ALA A 126 13.18 -7.09 -14.52
C ALA A 126 11.72 -6.71 -14.34
N LEU A 127 10.95 -7.55 -13.64
CA LEU A 127 9.53 -7.30 -13.48
C LEU A 127 9.28 -6.03 -12.67
N ILE A 128 9.96 -5.89 -11.53
CA ILE A 128 9.75 -4.74 -10.66
C ILE A 128 10.27 -3.45 -11.30
N ASP A 129 11.36 -3.54 -12.08
CA ASP A 129 11.84 -2.36 -12.79
C ASP A 129 10.79 -1.85 -13.77
N ASP A 130 10.10 -2.77 -14.44
CA ASP A 130 8.97 -2.42 -15.31
C ASP A 130 7.77 -1.93 -14.50
N ALA A 131 7.37 -2.69 -13.48
CA ALA A 131 6.12 -2.39 -12.79
C ALA A 131 6.18 -1.08 -12.00
N VAL A 132 7.35 -0.73 -11.45
CA VAL A 132 7.38 0.47 -10.60
C VAL A 132 7.12 1.72 -11.44
N VAL A 133 7.56 1.73 -12.69
CA VAL A 133 7.29 2.88 -13.56
C VAL A 133 5.80 3.01 -13.82
N ALA A 134 5.14 1.89 -14.12
CA ALA A 134 3.69 1.91 -14.33
C ALA A 134 2.97 2.31 -13.05
N HIS A 135 3.47 1.83 -11.90
CA HIS A 135 2.88 2.10 -10.60
C HIS A 135 2.88 3.60 -10.27
N VAL A 136 4.01 4.28 -10.51
CA VAL A 136 4.04 5.69 -10.12
C VAL A 136 3.17 6.53 -11.06
N ASP A 137 3.11 6.18 -12.35
CA ASP A 137 2.17 6.87 -13.23
C ASP A 137 0.73 6.67 -12.76
N ASN A 138 0.39 5.44 -12.36
CA ASN A 138 -0.94 5.17 -11.81
C ASN A 138 -1.21 5.99 -10.56
N GLN A 139 -0.22 6.09 -9.67
CA GLN A 139 -0.41 6.86 -8.45
C GLN A 139 -0.64 8.34 -8.75
N ARG A 140 0.06 8.89 -9.74
CA ARG A 140 -0.17 10.30 -10.04
C ARG A 140 -1.58 10.52 -10.55
N ARG A 141 -2.10 9.58 -11.34
CA ARG A 141 -3.48 9.69 -11.82
C ARG A 141 -4.47 9.50 -10.68
N VAL A 142 -4.11 8.74 -9.65
CA VAL A 142 -4.96 8.59 -8.47
C VAL A 142 -5.03 9.90 -7.70
N LEU A 143 -3.92 10.61 -7.60
CA LEU A 143 -3.83 11.82 -6.80
C LEU A 143 -4.12 13.10 -7.57
N SER A 144 -4.50 13.00 -8.85
CA SER A 144 -4.58 14.19 -9.69
C SER A 144 -5.66 15.17 -9.25
N ALA A 145 -6.66 14.72 -8.49
CA ALA A 145 -7.69 15.65 -8.01
C ALA A 145 -7.11 16.66 -7.02
N LEU A 146 -6.05 16.30 -6.31
CA LEU A 146 -5.41 17.18 -5.34
C LEU A 146 -4.23 17.90 -5.98
N SER A 147 -4.10 19.19 -5.67
CA SER A 147 -2.96 19.96 -6.12
C SER A 147 -1.70 19.51 -5.38
N ALA A 148 -0.55 20.03 -5.82
CA ALA A 148 0.70 19.64 -5.19
C ALA A 148 0.73 20.05 -3.72
N ALA A 149 0.25 21.25 -3.41
CA ALA A 149 0.16 21.70 -2.03
C ALA A 149 -0.81 20.85 -1.21
N GLU A 150 -1.96 20.49 -1.79
CA GLU A 150 -2.90 19.64 -1.08
C GLU A 150 -2.32 18.26 -0.82
N GLN A 151 -1.53 17.76 -1.77
CA GLN A 151 -0.92 16.45 -1.57
C GLN A 151 0.09 16.49 -0.43
N ARG A 152 0.98 17.49 -0.43
CA ARG A 152 1.90 17.67 0.68
C ARG A 152 1.14 17.87 1.99
N GLN A 153 0.08 18.68 1.94
CA GLN A 153 -0.78 18.91 3.09
C GLN A 153 -1.37 17.61 3.61
N LEU A 154 -1.83 16.75 2.71
CA LEU A 154 -2.41 15.48 3.10
C LEU A 154 -1.34 14.55 3.66
N ALA A 155 -0.13 14.57 3.07
CA ALA A 155 0.95 13.74 3.58
C ALA A 155 1.36 14.16 4.98
N LYS A 156 1.34 15.47 5.27
CA LYS A 156 1.72 15.94 6.60
C LYS A 156 0.69 15.52 7.65
N LEU A 157 -0.60 15.71 7.37
CA LEU A 157 -1.62 15.31 8.33
C LEU A 157 -1.58 13.80 8.57
N LEU A 158 -1.38 13.02 7.51
CA LEU A 158 -1.32 11.57 7.69
C LEU A 158 -0.10 11.17 8.52
N ASP A 159 1.02 11.87 8.34
CA ASP A 159 2.19 11.56 9.16
C ASP A 159 1.94 11.86 10.63
N LYS A 160 1.25 12.97 10.92
CA LYS A 160 0.96 13.30 12.31
C LYS A 160 0.02 12.28 12.93
N LEU A 161 -1.02 11.86 12.19
CA LEU A 161 -1.93 10.82 12.66
C LEU A 161 -1.19 9.52 12.94
N LEU A 162 -0.32 9.11 12.01
CA LEU A 162 0.44 7.87 12.19
C LEU A 162 1.32 7.93 13.43
N GLN A 163 2.06 9.03 13.60
CA GLN A 163 2.92 9.16 14.77
C GLN A 163 2.11 9.17 16.05
N GLY A 164 0.92 9.75 16.02
CA GLY A 164 0.01 9.72 17.16
C GLY A 164 -0.43 8.33 17.57
N GLN A 165 -0.09 7.30 16.80
CA GLN A 165 -0.39 5.92 17.16
C GLN A 165 0.85 5.26 17.75
N9 XAN B . 4.56 -1.37 -1.57
C4 XAN B . 5.36 -0.36 -2.04
N3 XAN B . 6.71 -0.18 -2.04
C2 XAN B . 7.26 0.95 -2.59
O2 XAN B . 8.47 1.11 -2.59
N1 XAN B . 6.40 1.90 -3.13
C6 XAN B . 5.01 1.79 -3.16
O6 XAN B . 4.33 2.70 -3.65
C5 XAN B . 4.50 0.59 -2.57
N7 XAN B . 3.19 0.15 -2.42
C8 XAN B . 3.30 -1.02 -1.83
#